data_9OB0
#
_entry.id   9OB0
#
_cell.length_a   42.996
_cell.length_b   60.588
_cell.length_c   44.909
_cell.angle_alpha   90.000
_cell.angle_beta   116.789
_cell.angle_gamma   90.000
#
_symmetry.space_group_name_H-M   'P 1 21 1'
#
loop_
_entity.id
_entity.type
_entity.pdbx_description
1 polymer "DNA (5'-D(*AP*AP*TP*AP*AP*GP*CP*GP*IP*AP*AP*GP*TP*GP*GP*G)-3')"
2 polymer "DNA (5'-D(*TP*CP*CP*CP*AP*CP*TP*TP*TP*CP*GP*CP*TP*TP*AP*T)-3')"
3 polymer 'Transcription factor PU.1'
4 water water
#
loop_
_entity_poly.entity_id
_entity_poly.type
_entity_poly.pdbx_seq_one_letter_code
_entity_poly.pdbx_strand_id
1 'polydeoxyribonucleotide' (DA)(DA)(DT)(DA)(DA)(DG)(DC)(DG)(DI)(DA)(DA)(DG)(DT)(DG)(DG)(DG) C
2 'polydeoxyribonucleotide' (DT)(DC)(DC)(DC)(DA)(DC)(DT)(DT)(DT)(DC)(DG)(DC)(DT)(DT)(DA)(DT) D
3 'polypeptide(L)'
;GSKKKIRLYQFLLDLLRSGDMKDSIWWVDKDKGTFQFSSKHKEALAHRWGIQKGNRKKMTYQKMARALRNYGKTGEVKKV
KKKLTYQFSGEVLGRGGLAERRHPPH
;
F
#
loop_
_chem_comp.id
_chem_comp.type
_chem_comp.name
_chem_comp.formula
DA DNA linking 2'-DEOXYADENOSINE-5'-MONOPHOSPHATE 'C10 H14 N5 O6 P'
DC DNA linking 2'-DEOXYCYTIDINE-5'-MONOPHOSPHATE 'C9 H14 N3 O7 P'
DG DNA linking 2'-DEOXYGUANOSINE-5'-MONOPHOSPHATE 'C10 H14 N5 O7 P'
DI DNA linking 2'-DEOXYINOSINE-5'-MONOPHOSPHATE 'C10 H13 N4 O7 P'
DT DNA linking THYMIDINE-5'-MONOPHOSPHATE 'C10 H15 N2 O8 P'
#
# COMPACT_ATOMS: atom_id res chain seq x y z
N LYS C 5 -14.83 -7.63 -3.24
CA LYS C 5 -13.65 -6.95 -3.76
C LYS C 5 -12.64 -6.63 -2.61
N ILE C 6 -11.39 -6.94 -2.86
CA ILE C 6 -10.37 -6.77 -1.83
C ILE C 6 -10.21 -5.30 -1.47
N ARG C 7 -9.87 -5.03 -0.21
CA ARG C 7 -9.59 -3.67 0.23
C ARG C 7 -8.12 -3.35 0.00
N LEU C 8 -7.84 -2.04 -0.20
CA LEU C 8 -6.51 -1.62 -0.59
C LEU C 8 -5.47 -2.06 0.44
N TYR C 9 -5.76 -1.87 1.72
CA TYR C 9 -4.76 -2.21 2.73
C TYR C 9 -4.48 -3.70 2.71
N GLN C 10 -5.50 -4.52 2.38
CA GLN C 10 -5.27 -5.96 2.32
C GLN C 10 -4.49 -6.34 1.08
N PHE C 11 -4.72 -5.63 -0.03
CA PHE C 11 -3.92 -5.81 -1.24
C PHE C 11 -2.43 -5.59 -0.94
N LEU C 12 -2.12 -4.53 -0.18
CA LEU C 12 -0.74 -4.19 0.12
C LEU C 12 -0.13 -5.19 1.09
N LEU C 13 -0.89 -5.56 2.10
CA LEU C 13 -0.40 -6.52 3.08
C LEU C 13 -0.11 -7.86 2.43
N ASP C 14 -0.99 -8.28 1.51
CA ASP C 14 -0.76 -9.53 0.80
C ASP C 14 0.50 -9.47 -0.05
N LEU C 15 0.75 -8.33 -0.70
CA LEU C 15 1.95 -8.20 -1.50
C LEU C 15 3.18 -8.33 -0.62
N LEU C 16 3.20 -7.59 0.48
CA LEU C 16 4.35 -7.67 1.40
C LEU C 16 4.56 -9.10 1.91
N ARG C 17 3.48 -9.82 2.17
CA ARG C 17 3.63 -11.20 2.64
C ARG C 17 4.14 -12.12 1.54
N SER C 18 3.62 -11.96 0.32
CA SER C 18 3.97 -12.85 -0.78
C SER C 18 5.32 -12.49 -1.39
N GLY C 19 5.75 -11.24 -1.27
CA GLY C 19 6.97 -10.81 -1.91
C GLY C 19 6.88 -10.63 -3.42
N ASP C 20 5.67 -10.57 -3.99
CA ASP C 20 5.58 -10.70 -5.45
C ASP C 20 6.08 -9.47 -6.19
N MET C 21 6.08 -8.28 -5.56
CA MET C 21 6.61 -7.05 -6.15
C MET C 21 7.65 -6.42 -5.21
N LYS C 22 8.70 -7.20 -4.87
CA LYS C 22 9.67 -6.73 -3.90
C LYS C 22 10.42 -5.47 -4.35
N ASP C 23 10.48 -5.20 -5.65
CA ASP C 23 11.14 -4.00 -6.12
C ASP C 23 10.27 -2.76 -6.06
N SER C 24 8.97 -2.89 -5.75
CA SER C 24 8.05 -1.76 -5.64
C SER C 24 7.66 -1.44 -4.21
N ILE C 25 7.72 -2.41 -3.29
CA ILE C 25 7.24 -2.20 -1.93
C ILE C 25 8.01 -3.16 -1.04
N TRP C 26 8.25 -2.72 0.20
CA TRP C 26 8.98 -3.56 1.16
C TRP C 26 8.71 -3.12 2.60
N TRP C 27 8.94 -4.05 3.52
CA TRP C 27 8.88 -3.71 4.93
C TRP C 27 10.06 -2.83 5.31
N VAL C 28 9.82 -1.87 6.20
CA VAL C 28 10.89 -1.10 6.82
C VAL C 28 11.17 -1.77 8.17
N ASP C 29 10.16 -1.86 9.01
CA ASP C 29 10.20 -2.62 10.26
C ASP C 29 8.92 -3.43 10.35
N LYS C 30 9.01 -4.72 10.01
CA LYS C 30 7.78 -5.49 9.91
C LYS C 30 7.11 -5.66 11.26
N ASP C 31 7.89 -5.69 12.35
CA ASP C 31 7.31 -5.82 13.68
C ASP C 31 6.42 -4.64 14.02
N LYS C 32 6.83 -3.46 13.58
CA LYS C 32 6.03 -2.26 13.72
C LYS C 32 5.00 -2.10 12.63
N GLY C 33 5.07 -2.90 11.58
CA GLY C 33 4.16 -2.74 10.45
C GLY C 33 4.46 -1.58 9.54
N THR C 34 5.69 -1.05 9.56
CA THR C 34 6.03 0.06 8.68
C THR C 34 6.54 -0.48 7.34
N PHE C 35 6.09 0.15 6.25
CA PHE C 35 6.50 -0.25 4.91
C PHE C 35 6.67 0.98 4.04
N GLN C 36 7.37 0.81 2.91
CA GLN C 36 7.82 1.88 2.07
C GLN C 36 7.66 1.47 0.63
N PHE C 37 7.24 2.42 -0.20
CA PHE C 37 7.23 2.24 -1.63
C PHE C 37 8.52 2.72 -2.30
N SER C 38 8.79 2.10 -3.46
CA SER C 38 9.91 2.49 -4.29
C SER C 38 9.58 3.77 -5.06
N SER C 39 10.46 4.75 -4.97
CA SER C 39 10.23 5.99 -5.69
C SER C 39 10.10 5.75 -7.19
N LYS C 40 10.95 4.87 -7.76
CA LYS C 40 10.99 4.66 -9.18
C LYS C 40 10.04 3.57 -9.66
N HIS C 41 9.65 2.63 -8.80
CA HIS C 41 8.89 1.48 -9.26
C HIS C 41 7.51 1.36 -8.62
N LYS C 42 7.03 2.42 -7.96
CA LYS C 42 5.72 2.33 -7.34
C LYS C 42 4.59 2.34 -8.36
N GLU C 43 4.79 2.97 -9.53
CA GLU C 43 3.67 3.05 -10.46
C GLU C 43 3.26 1.68 -10.97
N ALA C 44 4.21 0.74 -11.11
CA ALA C 44 3.84 -0.59 -11.57
C ALA C 44 2.90 -1.26 -10.58
N LEU C 45 3.11 -0.98 -9.30
CA LEU C 45 2.26 -1.54 -8.26
C LEU C 45 0.88 -0.87 -8.29
N ALA C 46 0.84 0.44 -8.46
CA ALA C 46 -0.44 1.13 -8.57
C ALA C 46 -1.22 0.58 -9.75
N HIS C 47 -0.53 0.32 -10.85
CA HIS C 47 -1.23 -0.22 -12.01
C HIS C 47 -1.87 -1.54 -11.68
N ARG C 48 -1.15 -2.42 -10.96
CA ARG C 48 -1.68 -3.72 -10.57
CA ARG C 48 -1.68 -3.72 -10.57
C ARG C 48 -2.93 -3.58 -9.72
N TRP C 49 -2.94 -2.60 -8.79
CA TRP C 49 -4.10 -2.37 -7.96
C TRP C 49 -5.33 -2.02 -8.80
N GLY C 50 -5.18 -1.11 -9.76
CA GLY C 50 -6.33 -0.71 -10.54
C GLY C 50 -6.84 -1.85 -11.39
N ILE C 51 -5.92 -2.66 -11.91
CA ILE C 51 -6.36 -3.77 -12.75
C ILE C 51 -7.05 -4.83 -11.91
N GLN C 52 -6.51 -5.11 -10.73
CA GLN C 52 -7.19 -6.05 -9.84
C GLN C 52 -8.59 -5.56 -9.48
N LYS C 53 -8.76 -4.24 -9.29
CA LYS C 53 -10.09 -3.71 -9.00
C LYS C 53 -11.03 -3.66 -10.20
N GLY C 54 -10.51 -3.72 -11.42
CA GLY C 54 -11.36 -3.51 -12.59
C GLY C 54 -11.78 -2.08 -12.80
N ASN C 55 -10.98 -1.12 -12.37
CA ASN C 55 -11.38 0.28 -12.49
C ASN C 55 -11.36 0.72 -13.96
N ARG C 56 -12.11 1.79 -14.24
CA ARG C 56 -12.26 2.26 -15.62
C ARG C 56 -10.98 2.87 -16.15
N LYS C 57 -10.35 3.71 -15.34
CA LYS C 57 -9.14 4.43 -15.69
C LYS C 57 -7.93 3.68 -15.17
N LYS C 58 -6.82 3.97 -15.80
CA LYS C 58 -5.54 3.48 -15.33
C LYS C 58 -5.30 4.02 -13.92
N MET C 59 -4.87 3.15 -13.01
CA MET C 59 -4.60 3.62 -11.66
C MET C 59 -3.22 4.26 -11.58
N THR C 60 -3.10 5.29 -10.75
CA THR C 60 -1.84 5.98 -10.53
C THR C 60 -1.44 5.90 -9.08
N TYR C 61 -0.14 6.10 -8.80
CA TYR C 61 0.25 6.13 -7.40
C TYR C 61 -0.42 7.27 -6.66
N GLN C 62 -0.60 8.42 -7.31
CA GLN C 62 -1.23 9.54 -6.60
CA GLN C 62 -1.24 9.54 -6.62
C GLN C 62 -2.65 9.17 -6.17
N LYS C 63 -3.41 8.53 -7.05
CA LYS C 63 -4.78 8.12 -6.69
C LYS C 63 -4.77 7.02 -5.63
N MET C 64 -3.80 6.10 -5.70
CA MET C 64 -3.70 5.09 -4.65
C MET C 64 -3.33 5.72 -3.31
N ALA C 65 -2.41 6.69 -3.31
CA ALA C 65 -2.02 7.31 -2.05
C ALA C 65 -3.15 8.16 -1.47
N ARG C 66 -4.00 8.68 -2.33
CA ARG C 66 -5.16 9.40 -1.81
C ARG C 66 -6.10 8.47 -1.05
N ALA C 67 -6.34 7.29 -1.60
CA ALA C 67 -7.08 6.30 -0.84
C ALA C 67 -6.37 5.96 0.47
N LEU C 68 -5.03 5.90 0.47
CA LEU C 68 -4.31 5.62 1.72
C LEU C 68 -4.54 6.73 2.75
N ARG C 69 -4.47 8.00 2.32
CA ARG C 69 -4.79 9.13 3.20
C ARG C 69 -6.13 8.95 3.90
N ASN C 70 -7.15 8.47 3.19
CA ASN C 70 -8.47 8.22 3.79
C ASN C 70 -8.50 7.20 4.93
N TYR C 71 -7.49 6.34 5.04
CA TYR C 71 -7.42 5.45 6.19
C TYR C 71 -6.93 6.15 7.44
N GLY C 72 -6.42 7.37 7.29
CA GLY C 72 -5.85 8.07 8.43
C GLY C 72 -6.79 8.15 9.60
N LYS C 73 -8.07 8.46 9.35
CA LYS C 73 -9.02 8.68 10.43
C LYS C 73 -9.39 7.37 11.11
N THR C 74 -9.70 6.34 10.33
CA THR C 74 -10.10 5.06 10.88
C THR C 74 -8.92 4.21 11.34
N GLY C 75 -7.71 4.48 10.84
CA GLY C 75 -6.50 3.97 11.43
C GLY C 75 -5.87 2.76 10.79
N GLU C 76 -6.43 2.23 9.70
CA GLU C 76 -5.90 0.98 9.14
C GLU C 76 -4.47 1.18 8.65
N VAL C 77 -4.20 2.34 8.06
CA VAL C 77 -2.88 2.71 7.55
C VAL C 77 -2.66 4.16 7.92
N LYS C 78 -1.48 4.46 8.49
CA LYS C 78 -1.10 5.82 8.82
C LYS C 78 0.16 6.20 8.08
N LYS C 79 0.23 7.47 7.68
CA LYS C 79 1.41 7.97 7.00
C LYS C 79 2.47 8.23 8.05
N VAL C 80 3.67 7.73 7.80
CA VAL C 80 4.85 7.98 8.63
C VAL C 80 5.63 9.15 8.01
N LYS C 81 6.35 9.88 8.86
CA LYS C 81 7.03 11.11 8.44
C LYS C 81 8.40 10.77 7.85
N LYS C 82 8.37 9.91 6.85
CA LYS C 82 9.53 9.52 6.08
C LYS C 82 9.04 9.24 4.67
N LYS C 83 9.89 9.48 3.69
CA LYS C 83 9.44 9.47 2.30
C LYS C 83 8.80 8.12 1.93
N LEU C 84 7.57 8.20 1.39
CA LEU C 84 6.88 7.06 0.80
C LEU C 84 6.64 5.93 1.82
N THR C 85 6.58 6.27 3.10
CA THR C 85 6.49 5.29 4.18
C THR C 85 5.17 5.40 4.91
N TYR C 86 4.61 4.24 5.24
CA TYR C 86 3.32 4.11 5.88
C TYR C 86 3.44 3.07 6.97
N GLN C 87 2.39 2.93 7.77
CA GLN C 87 2.34 1.98 8.87
C GLN C 87 0.93 1.40 9.01
N PHE C 88 0.84 0.08 9.01
CA PHE C 88 -0.41 -0.62 9.30
C PHE C 88 -0.71 -0.60 10.79
N SER C 89 -2.00 -0.61 11.13
CA SER C 89 -2.38 -0.75 12.53
C SER C 89 -2.19 -2.18 13.00
N GLY C 90 -2.05 -2.33 14.32
CA GLY C 90 -1.92 -3.65 14.89
C GLY C 90 -3.11 -4.53 14.56
N GLU C 91 -4.29 -3.92 14.48
CA GLU C 91 -5.50 -4.64 14.12
C GLU C 91 -5.38 -5.27 12.74
N VAL C 92 -5.02 -4.47 11.74
CA VAL C 92 -4.79 -4.97 10.40
C VAL C 92 -3.73 -6.06 10.41
N LEU C 93 -2.67 -5.85 11.17
CA LEU C 93 -1.57 -6.82 11.21
C LEU C 93 -2.00 -8.11 11.87
N GLY C 94 -2.80 -8.02 12.93
CA GLY C 94 -3.19 -9.20 13.71
C GLY C 94 -4.14 -10.13 12.99
N ARG C 95 -4.73 -9.67 11.88
CA ARG C 95 -5.55 -10.51 11.01
C ARG C 95 -4.74 -10.96 9.78
#